data_2M8K
#
_entry.id   2M8K
#
_entity_poly.entity_id   1
_entity_poly.type   'polyribonucleotide'
_entity_poly.pdbx_seq_one_letter_code
;GGUUUCUUUUUAGUGAUUUUUCCAAACCCCUUUGUGCAAAAAUCAUUA
;
_entity_poly.pdbx_strand_id   A
#